data_3TN7
#
_entry.id   3TN7
#
_cell.length_a   146.180
_cell.length_b   55.500
_cell.length_c   82.770
_cell.angle_alpha   90.000
_cell.angle_beta   124.530
_cell.angle_gamma   90.000
#
_symmetry.space_group_name_H-M   'C 1 2 1'
#
loop_
_entity.id
_entity.type
_entity.pdbx_description
1 polymer 'Short-chain alcohol dehydrogenase'
2 non-polymer '5-hydroxy-NICOTINAMIDE-ADENINE-DINUCLEOTIDE PHOSPHATE'
3 non-polymer GLYCEROL
4 water water
#
_entity_poly.entity_id   1
_entity_poly.type   'polypeptide(L)'
_entity_poly.pdbx_seq_one_letter_code
;MGSSHHHHHHSSGLVPRGSHMLEMKVAVITGASRGIGEAIARALARDGYALALGARSVDRLEKIAHELMQEQGVEVFYHH
LDVSKAESVEEFSKKVLERFGDVDVVVANAGLGYFKRLEELSEEEFHEMIEVNLLGVWRTLKAFLDSLKRTGGLALVTTS
DVSARLIPYGGGYVSTKWAARALVRTFQIENPDVRFFELRPGAVDTYFGGSKPGKPKEKGYLKPDEIAEAVRCLLKLPKD
VRVEELMLRSVYQRPEY
;
_entity_poly.pdbx_strand_id   A,B
#
loop_
_chem_comp.id
_chem_comp.type
_chem_comp.name
_chem_comp.formula
GOL non-polymer GLYCEROL 'C3 H8 O3'
NJP non-polymer '5-hydroxy-NICOTINAMIDE-ADENINE-DINUCLEOTIDE PHOSPHATE' 'C21 H29 N7 O18 P3 1'
#
# COMPACT_ATOMS: atom_id res chain seq x y z
N MET A 24 5.59 3.67 24.40
CA MET A 24 4.64 2.55 24.51
C MET A 24 4.77 1.46 23.43
N LYS A 25 5.43 1.69 22.28
CA LYS A 25 5.60 0.59 21.31
C LYS A 25 7.05 0.50 20.84
N VAL A 26 7.44 -0.69 20.42
CA VAL A 26 8.82 -1.01 20.14
C VAL A 26 8.92 -1.57 18.72
N ALA A 27 9.77 -0.93 17.92
CA ALA A 27 10.02 -1.32 16.53
C ALA A 27 11.46 -1.79 16.40
N VAL A 28 11.65 -3.00 15.88
CA VAL A 28 12.99 -3.52 15.52
C VAL A 28 13.18 -3.26 14.01
N ILE A 29 14.35 -2.77 13.63
CA ILE A 29 14.64 -2.48 12.24
C ILE A 29 15.98 -3.09 11.85
N THR A 30 16.00 -3.96 10.88
CA THR A 30 17.27 -4.50 10.33
C THR A 30 17.65 -3.68 9.10
N GLY A 31 18.93 -3.66 8.81
CA GLY A 31 19.47 -2.69 7.85
C GLY A 31 19.15 -1.24 8.17
N ALA A 32 19.35 -0.87 9.44
CA ALA A 32 18.98 0.44 9.95
C ALA A 32 20.09 1.50 9.83
N SER A 33 21.25 1.09 9.36
CA SER A 33 22.45 1.95 9.24
C SER A 33 22.37 2.94 8.12
N ARG A 34 21.54 2.68 7.11
CA ARG A 34 21.37 3.62 6.02
C ARG A 34 20.10 3.32 5.21
N GLY A 35 19.89 4.16 4.22
CA GLY A 35 18.86 3.92 3.21
C GLY A 35 17.44 3.81 3.76
N ILE A 36 16.70 2.83 3.24
CA ILE A 36 15.28 2.69 3.65
C ILE A 36 15.11 2.42 5.14
N GLY A 37 15.97 1.58 5.71
CA GLY A 37 15.85 1.20 7.12
C GLY A 37 16.09 2.34 8.07
N GLU A 38 17.18 3.10 7.83
CA GLU A 38 17.40 4.32 8.57
C GLU A 38 16.20 5.27 8.45
N ALA A 39 15.71 5.47 7.24
CA ALA A 39 14.57 6.38 7.07
C ALA A 39 13.33 5.92 7.89
N ILE A 40 13.05 4.64 7.89
CA ILE A 40 11.94 4.09 8.67
C ILE A 40 12.16 4.32 10.14
N ALA A 41 13.42 4.11 10.58
CA ALA A 41 13.74 4.38 11.99
C ALA A 41 13.44 5.85 12.33
N ARG A 42 13.85 6.76 11.47
CA ARG A 42 13.63 8.18 11.73
C ARG A 42 12.13 8.49 11.75
N ALA A 43 11.37 7.95 10.81
CA ALA A 43 9.96 8.22 10.74
C ALA A 43 9.22 7.67 11.95
N LEU A 44 9.51 6.40 12.34
CA LEU A 44 8.89 5.85 13.50
C LEU A 44 9.32 6.56 14.78
N ALA A 45 10.55 7.03 14.84
CA ALA A 45 10.93 7.84 16.01
C ALA A 45 10.07 9.10 16.15
N ARG A 46 9.72 9.75 15.04
CA ARG A 46 8.80 10.94 15.04
C ARG A 46 7.48 10.60 15.70
N ASP A 47 6.99 9.36 15.50
CA ASP A 47 5.79 8.85 16.17
C ASP A 47 5.99 8.28 17.55
N GLY A 48 7.19 8.39 18.08
CA GLY A 48 7.45 8.02 19.47
C GLY A 48 7.74 6.55 19.72
N TYR A 49 7.99 5.75 18.67
CA TYR A 49 8.37 4.35 18.88
C TYR A 49 9.72 4.25 19.52
N ALA A 50 9.86 3.33 20.45
CA ALA A 50 11.16 2.89 20.90
C ALA A 50 11.75 2.04 19.78
N LEU A 51 13.06 2.10 19.58
CA LEU A 51 13.70 1.48 18.45
C LEU A 51 14.78 0.52 18.87
N ALA A 52 14.89 -0.58 18.13
CA ALA A 52 15.97 -1.51 18.25
C ALA A 52 16.54 -1.66 16.84
N LEU A 53 17.75 -1.13 16.64
CA LEU A 53 18.38 -1.04 15.31
C LEU A 53 19.48 -2.07 15.16
N GLY A 54 19.47 -2.76 14.02
CA GLY A 54 20.51 -3.73 13.65
C GLY A 54 21.06 -3.59 12.25
N ALA A 55 22.40 -3.73 12.14
CA ALA A 55 23.10 -3.69 10.89
C ALA A 55 24.54 -4.02 11.24
N ARG A 56 25.38 -4.13 10.24
CA ARG A 56 26.76 -4.47 10.53
C ARG A 56 27.56 -3.21 10.89
N SER A 57 27.13 -2.07 10.41
CA SER A 57 27.83 -0.79 10.64
C SER A 57 27.42 -0.20 11.96
N VAL A 58 28.07 -0.62 13.03
CA VAL A 58 27.63 -0.21 14.36
C VAL A 58 27.88 1.28 14.61
N ASP A 59 28.97 1.78 14.05
CA ASP A 59 29.26 3.20 14.05
C ASP A 59 28.06 4.01 13.55
N ARG A 60 27.47 3.60 12.43
CA ARG A 60 26.32 4.28 11.87
C ARG A 60 25.13 4.18 12.81
N LEU A 61 24.84 2.97 13.27
CA LEU A 61 23.74 2.80 14.25
C LEU A 61 23.85 3.68 15.51
N GLU A 62 25.04 3.74 16.12
CA GLU A 62 25.26 4.58 17.27
C GLU A 62 24.98 6.05 16.95
N LYS A 63 25.40 6.50 15.78
CA LYS A 63 25.22 7.90 15.39
C LYS A 63 23.73 8.22 15.20
N ILE A 64 23.02 7.33 14.52
CA ILE A 64 21.60 7.48 14.34
C ILE A 64 20.87 7.43 15.72
N ALA A 65 21.21 6.43 16.54
CA ALA A 65 20.60 6.26 17.86
C ALA A 65 20.74 7.48 18.75
N HIS A 66 21.93 8.06 18.83
CA HIS A 66 22.07 9.24 19.73
C HIS A 66 21.25 10.40 19.27
N GLU A 67 21.21 10.62 17.96
CA GLU A 67 20.43 11.65 17.40
C GLU A 67 18.96 11.46 17.71
N LEU A 68 18.45 10.27 17.43
CA LEU A 68 17.02 10.07 17.64
C LEU A 68 16.66 10.14 19.12
N MET A 69 17.52 9.64 19.99
CA MET A 69 17.23 9.73 21.41
C MET A 69 17.08 11.16 21.83
N GLN A 70 18.00 12.02 21.42
CA GLN A 70 17.94 13.41 21.82
C GLN A 70 16.87 14.20 21.12
N GLU A 71 16.81 14.11 19.79
CA GLU A 71 15.96 14.94 18.98
C GLU A 71 14.50 14.51 18.97
N GLN A 72 14.23 13.20 19.11
CA GLN A 72 12.84 12.67 19.13
C GLN A 72 12.44 12.19 20.50
N GLY A 73 13.36 12.07 21.46
CA GLY A 73 12.99 11.69 22.82
C GLY A 73 12.59 10.24 22.96
N VAL A 74 13.06 9.40 22.04
CA VAL A 74 12.73 7.98 22.07
C VAL A 74 13.89 7.15 22.61
N GLU A 75 13.56 6.00 23.15
CA GLU A 75 14.55 5.04 23.54
C GLU A 75 15.07 4.33 22.30
N VAL A 76 16.36 4.18 22.22
CA VAL A 76 16.98 3.48 21.14
C VAL A 76 18.03 2.51 21.64
N PHE A 77 17.93 1.26 21.17
CA PHE A 77 18.92 0.22 21.41
C PHE A 77 19.51 -0.13 20.08
N TYR A 78 20.80 -0.38 20.03
CA TYR A 78 21.37 -0.86 18.79
C TYR A 78 22.39 -1.92 19.09
N HIS A 79 22.58 -2.79 18.10
CA HIS A 79 23.47 -3.92 18.27
C HIS A 79 23.91 -4.42 16.93
N HIS A 80 25.15 -4.92 16.84
CA HIS A 80 25.62 -5.50 15.57
C HIS A 80 24.66 -6.59 15.15
N LEU A 81 24.38 -6.66 13.86
CA LEU A 81 23.54 -7.69 13.28
C LEU A 81 24.05 -7.96 11.89
N ASP A 82 24.38 -9.25 11.65
CA ASP A 82 24.64 -9.74 10.30
C ASP A 82 23.58 -10.80 10.02
N VAL A 83 22.57 -10.43 9.23
CA VAL A 83 21.48 -11.35 8.97
C VAL A 83 21.87 -12.56 8.15
N SER A 84 23.05 -12.58 7.54
CA SER A 84 23.58 -13.78 6.86
C SER A 84 24.02 -14.87 7.85
N LYS A 85 24.07 -14.55 9.14
CA LYS A 85 24.55 -15.49 10.15
C LYS A 85 23.52 -15.80 11.20
N ALA A 86 23.09 -17.08 11.25
CA ALA A 86 22.07 -17.52 12.15
C ALA A 86 22.34 -17.05 13.57
N GLU A 87 23.58 -17.19 14.01
CA GLU A 87 23.94 -16.94 15.40
C GLU A 87 23.85 -15.44 15.73
N SER A 88 24.15 -14.59 14.75
CA SER A 88 24.05 -13.15 14.92
C SER A 88 22.59 -12.70 15.09
N VAL A 89 21.72 -13.26 14.28
CA VAL A 89 20.32 -12.91 14.37
C VAL A 89 19.78 -13.39 15.69
N GLU A 90 20.17 -14.60 16.11
CA GLU A 90 19.67 -15.10 17.39
C GLU A 90 20.13 -14.26 18.56
N GLU A 91 21.39 -13.86 18.55
CA GLU A 91 21.95 -13.01 19.61
C GLU A 91 21.29 -11.62 19.63
N PHE A 92 21.12 -11.07 18.43
CA PHE A 92 20.50 -9.77 18.27
C PHE A 92 19.10 -9.82 18.87
N SER A 93 18.32 -10.83 18.48
CA SER A 93 16.99 -10.89 18.95
C SER A 93 16.90 -11.10 20.47
N LYS A 94 17.76 -11.96 20.99
CA LYS A 94 17.82 -12.15 22.43
C LYS A 94 18.10 -10.83 23.16
N LYS A 95 19.05 -10.06 22.66
CA LYS A 95 19.41 -8.79 23.30
C LYS A 95 18.32 -7.76 23.20
N VAL A 96 17.69 -7.68 22.05
CA VAL A 96 16.50 -6.79 21.86
C VAL A 96 15.37 -7.12 22.84
N LEU A 97 14.99 -8.38 22.89
CA LEU A 97 13.94 -8.85 23.74
C LEU A 97 14.25 -8.62 25.24
N GLU A 98 15.50 -8.77 25.61
CA GLU A 98 15.94 -8.50 26.94
C GLU A 98 15.80 -7.03 27.27
N ARG A 99 16.17 -6.17 26.32
CA ARG A 99 16.17 -4.74 26.52
C ARG A 99 14.74 -4.24 26.63
N PHE A 100 13.82 -4.69 25.79
CA PHE A 100 12.54 -4.05 25.70
C PHE A 100 11.35 -4.89 26.14
N GLY A 101 11.51 -6.19 26.37
CA GLY A 101 10.38 -7.06 26.32
C GLY A 101 9.90 -7.19 24.89
N ASP A 102 8.63 -7.52 24.73
CA ASP A 102 8.09 -7.87 23.43
C ASP A 102 8.06 -6.70 22.48
N VAL A 103 8.17 -7.03 21.21
CA VAL A 103 8.21 -6.02 20.20
C VAL A 103 6.84 -5.97 19.48
N ASP A 104 6.60 -4.82 18.87
CA ASP A 104 5.35 -4.52 18.20
C ASP A 104 5.47 -4.49 16.72
N VAL A 105 6.65 -4.12 16.25
CA VAL A 105 6.96 -3.99 14.85
C VAL A 105 8.30 -4.57 14.60
N VAL A 106 8.41 -5.40 13.57
CA VAL A 106 9.73 -5.88 13.13
C VAL A 106 9.84 -5.54 11.65
N VAL A 107 10.85 -4.78 11.30
CA VAL A 107 11.09 -4.36 9.92
C VAL A 107 12.31 -5.11 9.42
N ALA A 108 12.05 -6.11 8.58
CA ALA A 108 13.09 -7.01 8.05
C ALA A 108 13.45 -6.37 6.73
N ASN A 109 14.43 -5.44 6.75
CA ASN A 109 14.72 -4.56 5.62
C ASN A 109 16.08 -4.77 4.95
N ALA A 110 17.04 -5.33 5.68
CA ALA A 110 18.35 -5.56 5.14
C ALA A 110 18.21 -6.26 3.80
N GLY A 111 19.03 -5.90 2.85
CA GLY A 111 18.95 -6.51 1.51
C GLY A 111 20.09 -5.99 0.66
N LEU A 112 20.34 -6.70 -0.43
CA LEU A 112 21.32 -6.23 -1.39
C LEU A 112 21.12 -6.86 -2.76
N GLY A 113 21.70 -6.21 -3.76
CA GLY A 113 21.53 -6.63 -5.13
C GLY A 113 22.85 -6.52 -5.87
N TYR A 114 23.12 -7.55 -6.67
CA TYR A 114 24.15 -7.63 -7.68
C TYR A 114 23.44 -7.88 -8.98
N PHE A 115 23.78 -7.08 -9.99
CA PHE A 115 23.06 -7.10 -11.28
C PHE A 115 24.02 -7.52 -12.39
N LYS A 116 23.80 -8.71 -12.91
CA LYS A 116 24.61 -9.28 -13.99
C LYS A 116 23.72 -10.28 -14.69
N ARG A 117 24.02 -10.56 -15.96
CA ARG A 117 23.36 -11.66 -16.65
C ARG A 117 23.56 -12.92 -15.84
N LEU A 118 22.59 -13.83 -15.88
CA LEU A 118 22.66 -15.02 -15.02
C LEU A 118 23.88 -15.89 -15.22
N GLU A 119 24.44 -15.92 -16.42
CA GLU A 119 25.66 -16.66 -16.60
C GLU A 119 26.93 -15.98 -16.13
N GLU A 120 26.87 -14.71 -15.81
CA GLU A 120 28.02 -13.94 -15.33
C GLU A 120 27.96 -13.78 -13.83
N LEU A 121 26.77 -13.94 -13.25
CA LEU A 121 26.66 -13.82 -11.80
C LEU A 121 27.48 -14.92 -11.13
N SER A 122 28.24 -14.58 -10.08
CA SER A 122 29.07 -15.51 -9.41
C SER A 122 28.31 -16.30 -8.37
N GLU A 123 28.86 -17.45 -8.04
CA GLU A 123 28.41 -18.20 -6.89
C GLU A 123 28.32 -17.34 -5.62
N GLU A 124 29.35 -16.54 -5.38
CA GLU A 124 29.43 -15.72 -4.16
C GLU A 124 28.31 -14.66 -4.14
N GLU A 125 28.09 -14.00 -5.26
CA GLU A 125 27.09 -12.96 -5.40
C GLU A 125 25.72 -13.56 -5.17
N PHE A 126 25.47 -14.72 -5.75
CA PHE A 126 24.15 -15.34 -5.61
C PHE A 126 23.94 -15.79 -4.18
N HIS A 127 24.98 -16.40 -3.58
CA HIS A 127 24.81 -16.86 -2.23
C HIS A 127 24.56 -15.67 -1.32
N GLU A 128 25.29 -14.58 -1.52
CA GLU A 128 25.13 -13.45 -0.59
C GLU A 128 23.70 -12.90 -0.64
N MET A 129 23.16 -12.75 -1.83
CA MET A 129 21.80 -12.32 -2.00
C MET A 129 20.81 -13.26 -1.36
N ILE A 130 21.04 -14.57 -1.51
CA ILE A 130 20.17 -15.56 -0.86
C ILE A 130 20.23 -15.38 0.66
N GLU A 131 21.43 -15.28 1.18
CA GLU A 131 21.60 -15.23 2.63
C GLU A 131 21.01 -13.98 3.28
N VAL A 132 21.06 -12.85 2.59
CA VAL A 132 20.49 -11.61 3.15
C VAL A 132 19.02 -11.46 2.80
N ASN A 133 18.69 -11.59 1.52
CA ASN A 133 17.37 -11.20 1.02
C ASN A 133 16.35 -12.25 1.36
N LEU A 134 16.77 -13.51 1.51
CA LEU A 134 15.80 -14.56 1.77
C LEU A 134 16.02 -15.13 3.15
N LEU A 135 17.21 -15.72 3.38
CA LEU A 135 17.43 -16.42 4.66
C LEU A 135 17.52 -15.38 5.83
N GLY A 136 18.09 -14.24 5.55
CA GLY A 136 18.08 -13.14 6.53
C GLY A 136 16.74 -12.75 7.02
N VAL A 137 15.80 -12.60 6.07
CA VAL A 137 14.41 -12.26 6.39
C VAL A 137 13.84 -13.39 7.23
N TRP A 138 14.02 -14.62 6.77
CA TRP A 138 13.53 -15.77 7.49
C TRP A 138 14.03 -15.80 8.92
N ARG A 139 15.33 -15.60 9.09
CA ARG A 139 15.92 -15.64 10.44
C ARG A 139 15.35 -14.51 11.31
N THR A 140 15.20 -13.33 10.71
CA THR A 140 14.70 -12.20 11.42
C THR A 140 13.29 -12.44 11.93
N LEU A 141 12.41 -12.85 11.05
CA LEU A 141 11.02 -13.07 11.41
C LEU A 141 10.90 -14.20 12.38
N LYS A 142 11.59 -15.30 12.14
CA LYS A 142 11.47 -16.41 13.13
C LYS A 142 11.99 -16.05 14.53
N ALA A 143 13.04 -15.23 14.63
CA ALA A 143 13.59 -14.83 15.94
C ALA A 143 12.59 -14.04 16.78
N PHE A 144 11.73 -13.27 16.12
CA PHE A 144 10.77 -12.42 16.79
C PHE A 144 9.34 -12.91 16.73
N LEU A 145 9.13 -14.04 16.10
CA LEU A 145 7.79 -14.55 15.84
C LEU A 145 6.93 -14.75 17.10
N ASP A 146 7.51 -15.36 18.14
CA ASP A 146 6.73 -15.61 19.35
C ASP A 146 6.36 -14.27 19.97
N SER A 147 7.27 -13.29 19.91
CA SER A 147 7.01 -11.98 20.46
C SER A 147 5.87 -11.32 19.73
N LEU A 148 5.94 -11.31 18.40
CA LEU A 148 4.92 -10.66 17.63
C LEU A 148 3.55 -11.35 17.83
N LYS A 149 3.55 -12.66 17.94
CA LYS A 149 2.30 -13.40 18.21
C LYS A 149 1.67 -12.86 19.50
N ARG A 150 2.48 -12.65 20.55
CA ARG A 150 1.93 -12.08 21.82
C ARG A 150 1.34 -10.70 21.69
N THR A 151 2.00 -9.83 20.93
CA THR A 151 1.58 -8.47 20.80
C THR A 151 0.65 -8.18 19.65
N GLY A 152 0.30 -9.22 18.86
CA GLY A 152 -0.47 -9.02 17.60
C GLY A 152 0.22 -8.02 16.68
N GLY A 153 1.55 -8.15 16.63
CA GLY A 153 2.37 -7.14 16.03
C GLY A 153 2.47 -7.28 14.53
N LEU A 154 3.36 -6.50 13.95
CA LEU A 154 3.45 -6.27 12.52
C LEU A 154 4.88 -6.53 12.10
N ALA A 155 5.07 -7.40 11.09
CA ALA A 155 6.37 -7.68 10.52
C ALA A 155 6.36 -7.10 9.12
N LEU A 156 7.21 -6.12 8.88
CA LEU A 156 7.27 -5.48 7.55
C LEU A 156 8.53 -6.02 6.95
N VAL A 157 8.43 -6.50 5.72
CA VAL A 157 9.54 -6.93 4.96
C VAL A 157 9.69 -6.09 3.70
N THR A 158 10.86 -5.48 3.55
CA THR A 158 11.21 -4.77 2.36
C THR A 158 11.70 -5.72 1.31
N THR A 159 10.82 -6.07 0.37
CA THR A 159 11.24 -6.91 -0.72
C THR A 159 11.64 -5.97 -1.84
N SER A 160 10.77 -5.77 -2.85
CA SER A 160 11.00 -4.93 -4.02
C SER A 160 9.78 -5.01 -4.88
N ASP A 161 9.59 -4.05 -5.76
CA ASP A 161 8.60 -4.26 -6.82
C ASP A 161 8.90 -5.51 -7.66
N VAL A 162 10.18 -5.86 -7.74
CA VAL A 162 10.57 -7.06 -8.52
C VAL A 162 10.37 -8.33 -7.75
N SER A 163 9.64 -8.30 -6.63
CA SER A 163 9.21 -9.53 -6.01
C SER A 163 8.11 -10.19 -6.83
N ALA A 164 7.57 -9.49 -7.81
CA ALA A 164 6.52 -10.03 -8.66
C ALA A 164 6.63 -9.63 -10.13
N ARG A 165 7.85 -9.26 -10.56
CA ARG A 165 8.13 -9.07 -11.98
C ARG A 165 9.57 -9.34 -12.25
N LEU A 166 9.91 -9.33 -13.53
CA LEU A 166 11.27 -9.70 -13.97
C LEU A 166 12.02 -8.56 -14.55
N ILE A 167 13.34 -8.55 -14.38
CA ILE A 167 14.19 -7.60 -15.11
C ILE A 167 15.44 -8.29 -15.70
N PRO A 168 15.85 -7.90 -16.94
CA PRO A 168 17.16 -8.36 -17.37
C PRO A 168 18.29 -7.87 -16.37
N TYR A 169 19.28 -8.73 -16.18
CA TYR A 169 20.40 -8.51 -15.24
C TYR A 169 19.98 -8.72 -13.76
N GLY A 170 18.72 -9.00 -13.51
CA GLY A 170 18.29 -9.13 -12.13
C GLY A 170 17.99 -10.51 -11.68
N GLY A 171 18.34 -11.53 -12.49
CA GLY A 171 17.87 -12.86 -12.20
C GLY A 171 18.21 -13.33 -10.78
N GLY A 172 19.42 -13.07 -10.34
CA GLY A 172 19.80 -13.44 -8.96
C GLY A 172 19.00 -12.67 -7.92
N TYR A 173 19.01 -11.36 -8.06
CA TYR A 173 18.30 -10.47 -7.13
C TYR A 173 16.80 -10.74 -7.07
N VAL A 174 16.21 -10.75 -8.25
CA VAL A 174 14.80 -10.98 -8.41
C VAL A 174 14.35 -12.34 -7.84
N SER A 175 15.10 -13.37 -8.16
CA SER A 175 14.76 -14.70 -7.64
C SER A 175 14.72 -14.73 -6.08
N THR A 176 15.62 -13.98 -5.43
CA THR A 176 15.60 -13.95 -3.97
C THR A 176 14.39 -13.15 -3.49
N LYS A 177 13.95 -12.14 -4.26
CA LYS A 177 12.83 -11.32 -3.87
C LYS A 177 11.50 -12.03 -4.09
N TRP A 178 11.40 -12.80 -5.18
CA TRP A 178 10.25 -13.70 -5.36
C TRP A 178 10.17 -14.71 -4.22
N ALA A 179 11.31 -15.27 -3.86
CA ALA A 179 11.43 -16.22 -2.73
C ALA A 179 10.97 -15.53 -1.46
N ALA A 180 11.41 -14.30 -1.22
CA ALA A 180 11.01 -13.53 -0.01
C ALA A 180 9.53 -13.28 0.06
N ARG A 181 8.91 -12.99 -1.07
CA ARG A 181 7.48 -12.79 -1.10
C ARG A 181 6.73 -14.07 -0.68
N ALA A 182 7.14 -15.21 -1.26
CA ALA A 182 6.54 -16.47 -0.89
C ALA A 182 6.77 -16.72 0.60
N LEU A 183 7.94 -16.37 1.11
CA LEU A 183 8.25 -16.60 2.53
C LEU A 183 7.32 -15.78 3.42
N VAL A 184 7.20 -14.51 3.12
CA VAL A 184 6.38 -13.60 3.92
C VAL A 184 4.95 -14.10 3.92
N ARG A 185 4.41 -14.42 2.74
CA ARG A 185 3.03 -14.94 2.66
C ARG A 185 2.81 -16.26 3.38
N THR A 186 3.83 -17.10 3.40
CA THR A 186 3.72 -18.36 4.09
C THR A 186 3.76 -18.11 5.59
N PHE A 187 4.67 -17.23 6.02
CA PHE A 187 4.64 -16.82 7.44
C PHE A 187 3.25 -16.37 7.82
N GLN A 188 2.62 -15.58 6.94
CA GLN A 188 1.29 -15.03 7.25
C GLN A 188 0.21 -16.14 7.36
N ILE A 189 0.24 -17.09 6.46
CA ILE A 189 -0.70 -18.18 6.53
C ILE A 189 -0.52 -19.06 7.75
N GLU A 190 0.71 -19.25 8.15
CA GLU A 190 1.09 -20.05 9.32
C GLU A 190 0.87 -19.32 10.62
N ASN A 191 0.74 -17.98 10.60
CA ASN A 191 0.65 -17.17 11.81
C ASN A 191 -0.37 -16.07 11.62
N PRO A 192 -1.66 -16.47 11.63
CA PRO A 192 -2.74 -15.53 11.36
C PRO A 192 -2.97 -14.53 12.50
N ASP A 193 -2.28 -14.73 13.63
CA ASP A 193 -2.25 -13.82 14.75
C ASP A 193 -1.23 -12.70 14.62
N VAL A 194 -0.43 -12.71 13.53
CA VAL A 194 0.57 -11.67 13.27
C VAL A 194 0.20 -11.00 11.96
N ARG A 195 0.59 -9.74 11.80
CA ARG A 195 0.35 -9.01 10.55
C ARG A 195 1.62 -8.95 9.76
N PHE A 196 1.62 -9.42 8.50
CA PHE A 196 2.83 -9.35 7.68
C PHE A 196 2.55 -8.39 6.52
N PHE A 197 3.49 -7.47 6.33
CA PHE A 197 3.35 -6.36 5.39
C PHE A 197 4.55 -6.47 4.44
N GLU A 198 4.27 -6.72 3.17
CA GLU A 198 5.31 -6.76 2.16
C GLU A 198 5.40 -5.38 1.55
N LEU A 199 6.53 -4.72 1.75
CA LEU A 199 6.75 -3.42 1.20
C LEU A 199 7.62 -3.56 -0.06
N ARG A 200 7.07 -3.08 -1.16
CA ARG A 200 7.64 -3.30 -2.48
C ARG A 200 7.97 -1.97 -3.19
N PRO A 201 9.11 -1.35 -2.85
CA PRO A 201 9.52 -0.14 -3.50
C PRO A 201 10.18 -0.47 -4.82
N GLY A 202 10.05 0.44 -5.74
CA GLY A 202 10.92 0.48 -6.91
C GLY A 202 12.30 1.02 -6.53
N ALA A 203 12.99 1.58 -7.50
CA ALA A 203 14.32 2.14 -7.31
C ALA A 203 14.26 3.26 -6.30
N VAL A 204 15.19 3.21 -5.37
CA VAL A 204 15.24 4.18 -4.29
C VAL A 204 16.66 4.72 -4.28
N ASP A 205 16.79 6.02 -3.99
CA ASP A 205 18.13 6.63 -3.94
C ASP A 205 18.83 6.31 -2.62
N THR A 206 19.57 5.20 -2.61
CA THR A 206 20.32 4.76 -1.42
C THR A 206 21.70 4.29 -1.86
N TYR A 207 22.34 3.44 -1.06
CA TYR A 207 23.59 2.79 -1.45
C TYR A 207 23.38 1.47 -2.20
N PHE A 208 22.10 1.06 -2.33
CA PHE A 208 21.74 -0.17 -3.01
C PHE A 208 22.37 -0.26 -4.41
N GLY A 209 22.82 -1.46 -4.74
CA GLY A 209 23.37 -1.79 -6.06
C GLY A 209 24.71 -1.09 -6.26
N GLY A 210 25.44 -0.83 -5.17
CA GLY A 210 26.83 -0.34 -5.25
C GLY A 210 26.93 1.16 -5.44
N SER A 211 25.84 1.86 -5.11
CA SER A 211 25.68 3.28 -5.39
C SER A 211 25.81 4.12 -4.10
N LYS A 212 25.48 5.42 -4.21
CA LYS A 212 25.48 6.32 -3.04
C LYS A 212 24.28 7.19 -3.17
N PRO A 213 23.75 7.67 -2.03
CA PRO A 213 22.62 8.60 -2.10
C PRO A 213 23.01 9.90 -2.81
N GLY A 214 22.01 10.65 -3.26
CA GLY A 214 22.20 11.92 -3.99
C GLY A 214 21.74 11.86 -5.45
N LYS A 215 21.29 10.68 -5.91
CA LYS A 215 20.80 10.50 -7.28
C LYS A 215 19.45 11.21 -7.39
N PRO A 216 19.24 12.05 -8.44
CA PRO A 216 18.00 12.80 -8.42
C PRO A 216 16.73 11.96 -8.73
N LYS A 217 15.60 12.41 -8.21
CA LYS A 217 14.32 11.72 -8.44
C LYS A 217 14.08 11.47 -9.92
N GLU A 218 14.43 12.48 -10.73
CA GLU A 218 14.20 12.43 -12.15
C GLU A 218 14.87 11.28 -12.90
N LYS A 219 15.91 10.70 -12.34
CA LYS A 219 16.53 9.55 -12.97
C LYS A 219 15.78 8.23 -12.66
N GLY A 220 14.72 8.36 -11.88
CA GLY A 220 13.82 7.23 -11.65
C GLY A 220 13.92 6.69 -10.22
N TYR A 221 14.10 7.56 -9.24
CA TYR A 221 14.30 7.16 -7.85
C TYR A 221 13.40 7.84 -6.86
N LEU A 222 12.83 7.02 -6.00
CA LEU A 222 12.18 7.49 -4.78
C LEU A 222 13.26 7.82 -3.76
N LYS A 223 12.89 8.63 -2.79
CA LYS A 223 13.79 8.93 -1.71
C LYS A 223 13.31 8.09 -0.51
N PRO A 224 14.26 7.61 0.25
CA PRO A 224 13.95 6.79 1.45
C PRO A 224 12.94 7.45 2.40
N ASP A 225 12.99 8.78 2.56
CA ASP A 225 12.13 9.48 3.50
C ASP A 225 10.64 9.40 3.01
N GLU A 226 10.46 9.31 1.68
CA GLU A 226 9.11 9.07 1.08
C GLU A 226 8.58 7.68 1.36
N ILE A 227 9.42 6.69 1.22
CA ILE A 227 9.04 5.33 1.58
C ILE A 227 8.72 5.30 3.10
N ALA A 228 9.56 5.95 3.92
CA ALA A 228 9.39 5.86 5.40
C ALA A 228 8.13 6.56 5.87
N GLU A 229 7.77 7.69 5.23
CA GLU A 229 6.52 8.35 5.52
C GLU A 229 5.34 7.48 5.07
N ALA A 230 5.37 6.79 3.92
CA ALA A 230 4.27 5.86 3.54
C ALA A 230 4.13 4.80 4.67
N VAL A 231 5.27 4.26 5.11
CA VAL A 231 5.24 3.24 6.17
C VAL A 231 4.63 3.83 7.46
N ARG A 232 5.13 4.97 7.91
CA ARG A 232 4.74 5.50 9.23
C ARG A 232 3.25 5.73 9.25
N CYS A 233 2.77 6.23 8.13
CA CYS A 233 1.43 6.65 8.23
C CYS A 233 0.45 5.44 8.17
N LEU A 234 0.85 4.37 7.53
CA LEU A 234 0.10 3.12 7.47
C LEU A 234 0.23 2.39 8.82
N LEU A 235 1.37 2.58 9.51
CA LEU A 235 1.53 2.03 10.85
C LEU A 235 0.72 2.75 11.97
N LYS A 236 0.13 3.90 11.66
CA LYS A 236 -0.82 4.57 12.55
C LYS A 236 -2.19 3.95 12.48
N LEU A 237 -2.45 3.07 11.52
CA LEU A 237 -3.79 2.48 11.45
C LEU A 237 -4.04 1.60 12.69
N PRO A 238 -5.32 1.39 12.99
CA PRO A 238 -5.58 0.55 14.15
C PRO A 238 -4.97 -0.83 14.02
N LYS A 239 -4.73 -1.44 15.16
CA LYS A 239 -4.11 -2.77 15.25
C LYS A 239 -4.86 -3.92 14.53
N ASP A 240 -6.15 -3.74 14.29
CA ASP A 240 -6.95 -4.74 13.56
C ASP A 240 -6.78 -4.64 12.06
N VAL A 241 -6.06 -3.63 11.59
CA VAL A 241 -5.88 -3.44 10.17
C VAL A 241 -4.58 -4.15 9.81
N ARG A 242 -4.65 -5.03 8.81
CA ARG A 242 -3.48 -5.71 8.29
C ARG A 242 -3.14 -5.26 6.88
N VAL A 243 -2.19 -4.31 6.74
CA VAL A 243 -1.68 -3.88 5.47
C VAL A 243 -0.75 -4.99 4.97
N GLU A 244 -1.08 -5.62 3.85
CA GLU A 244 -0.41 -6.80 3.39
C GLU A 244 0.65 -6.50 2.36
N GLU A 245 0.38 -5.48 1.57
CA GLU A 245 1.20 -5.18 0.43
C GLU A 245 1.10 -3.72 0.06
N LEU A 246 2.25 -3.10 -0.20
CA LEU A 246 2.30 -1.77 -0.73
C LEU A 246 3.38 -1.75 -1.77
N MET A 247 3.02 -1.38 -2.99
CA MET A 247 4.01 -1.20 -4.07
CA MET A 247 4.00 -1.21 -4.07
C MET A 247 3.98 0.24 -4.50
N LEU A 248 5.16 0.86 -4.53
CA LEU A 248 5.25 2.28 -4.87
C LEU A 248 6.56 2.51 -5.57
N ARG A 249 6.53 3.41 -6.54
CA ARG A 249 7.68 3.71 -7.40
C ARG A 249 7.66 5.20 -7.74
N SER A 250 8.79 5.70 -8.21
CA SER A 250 8.86 7.08 -8.68
C SER A 250 8.06 7.20 -9.93
N VAL A 251 7.43 8.35 -10.11
CA VAL A 251 6.82 8.66 -11.43
C VAL A 251 7.83 8.64 -12.55
N TYR A 252 9.11 8.80 -12.22
CA TYR A 252 10.21 8.81 -13.19
C TYR A 252 10.71 7.40 -13.50
N GLN A 253 10.23 6.39 -12.80
CA GLN A 253 10.52 5.02 -13.16
C GLN A 253 9.43 4.52 -14.08
N ARG A 254 9.80 3.93 -15.20
CA ARG A 254 8.81 3.43 -16.16
C ARG A 254 7.90 2.39 -15.48
N PRO A 255 6.55 2.50 -15.70
CA PRO A 255 5.65 1.54 -15.02
C PRO A 255 5.68 0.21 -15.72
N GLU A 256 6.44 -0.73 -15.17
CA GLU A 256 6.58 -2.07 -15.73
C GLU A 256 6.02 -3.08 -14.77
N TYR A 257 5.42 -4.13 -15.32
CA TYR A 257 4.81 -5.18 -14.50
C TYR A 257 5.35 -6.57 -14.87
N MET B 24 -4.32 24.30 -3.34
CA MET B 24 -5.74 23.86 -3.52
C MET B 24 -5.72 22.70 -4.51
N LYS B 25 -6.34 21.60 -4.14
CA LYS B 25 -6.41 20.38 -5.01
C LYS B 25 -7.85 19.87 -5.08
N VAL B 26 -8.20 19.23 -6.20
CA VAL B 26 -9.57 18.78 -6.48
C VAL B 26 -9.57 17.24 -6.61
N ALA B 27 -10.46 16.59 -5.88
CA ALA B 27 -10.63 15.12 -5.89
C ALA B 27 -12.03 14.80 -6.35
N VAL B 28 -12.15 13.99 -7.39
CA VAL B 28 -13.39 13.46 -7.87
C VAL B 28 -13.57 12.06 -7.22
N ILE B 29 -14.76 11.75 -6.69
CA ILE B 29 -15.01 10.45 -6.09
C ILE B 29 -16.27 9.86 -6.59
N THR B 30 -16.19 8.71 -7.22
CA THR B 30 -17.38 7.98 -7.64
C THR B 30 -17.76 6.99 -6.58
N GLY B 31 -19.04 6.67 -6.52
CA GLY B 31 -19.53 5.87 -5.40
C GLY B 31 -19.34 6.60 -4.08
N ALA B 32 -19.70 7.90 -4.04
CA ALA B 32 -19.35 8.73 -2.91
C ALA B 32 -20.50 8.76 -1.90
N SER B 33 -21.62 8.13 -2.22
CA SER B 33 -22.85 8.23 -1.42
C SER B 33 -22.81 7.40 -0.13
N ARG B 34 -21.95 6.41 -0.08
CA ARG B 34 -21.74 5.64 1.15
C ARG B 34 -20.44 4.85 1.13
N GLY B 35 -20.19 4.15 2.24
CA GLY B 35 -19.11 3.18 2.31
C GLY B 35 -17.77 3.77 2.06
N ILE B 36 -16.97 3.08 1.25
CA ILE B 36 -15.55 3.50 1.08
C ILE B 36 -15.43 4.85 0.43
N GLY B 37 -16.23 5.06 -0.60
CA GLY B 37 -16.19 6.35 -1.32
C GLY B 37 -16.52 7.55 -0.44
N GLU B 38 -17.61 7.42 0.33
CA GLU B 38 -17.96 8.46 1.31
C GLU B 38 -16.78 8.69 2.31
N ALA B 39 -16.23 7.58 2.81
CA ALA B 39 -15.14 7.71 3.77
C ALA B 39 -13.95 8.45 3.15
N ILE B 40 -13.57 8.08 1.93
CA ILE B 40 -12.48 8.79 1.27
C ILE B 40 -12.80 10.28 1.08
N ALA B 41 -14.02 10.60 0.69
CA ALA B 41 -14.43 12.02 0.62
C ALA B 41 -14.20 12.74 1.94
N ARG B 42 -14.64 12.15 3.02
CA ARG B 42 -14.49 12.74 4.35
C ARG B 42 -13.04 12.91 4.71
N ALA B 43 -12.21 11.93 4.41
CA ALA B 43 -10.79 12.01 4.78
C ALA B 43 -10.08 13.05 3.98
N LEU B 44 -10.38 13.10 2.69
CA LEU B 44 -9.76 14.09 1.84
C LEU B 44 -10.25 15.49 2.18
N ALA B 45 -11.52 15.62 2.57
CA ALA B 45 -12.00 16.92 3.06
C ALA B 45 -11.15 17.38 4.24
N ARG B 46 -10.81 16.47 5.16
CA ARG B 46 -9.95 16.82 6.30
C ARG B 46 -8.63 17.41 5.91
N ASP B 47 -8.10 17.03 4.74
CA ASP B 47 -6.88 17.60 4.22
C ASP B 47 -7.11 18.76 3.32
N GLY B 48 -8.35 19.22 3.20
CA GLY B 48 -8.57 20.45 2.49
C GLY B 48 -8.80 20.33 1.00
N TYR B 49 -8.99 19.12 0.49
CA TYR B 49 -9.34 18.97 -0.91
C TYR B 49 -10.73 19.49 -1.21
N ALA B 50 -10.85 20.17 -2.33
CA ALA B 50 -12.18 20.37 -2.97
C ALA B 50 -12.62 19.05 -3.51
N LEU B 51 -13.92 18.80 -3.49
CA LEU B 51 -14.43 17.52 -3.80
C LEU B 51 -15.50 17.59 -4.86
N ALA B 52 -15.46 16.64 -5.76
CA ALA B 52 -16.54 16.46 -6.72
C ALA B 52 -17.10 15.04 -6.51
N LEU B 53 -18.36 14.92 -6.08
CA LEU B 53 -18.95 13.65 -5.67
C LEU B 53 -19.95 13.17 -6.67
N GLY B 54 -19.87 11.90 -7.01
CA GLY B 54 -20.87 11.26 -7.87
C GLY B 54 -21.34 9.92 -7.40
N ALA B 55 -22.63 9.68 -7.58
CA ALA B 55 -23.29 8.44 -7.23
C ALA B 55 -24.70 8.62 -7.66
N ARG B 56 -25.49 7.58 -7.54
CA ARG B 56 -26.87 7.65 -7.99
C ARG B 56 -27.77 8.28 -6.97
N SER B 57 -27.38 8.19 -5.73
CA SER B 57 -28.16 8.65 -4.58
C SER B 57 -27.83 10.12 -4.31
N VAL B 58 -28.46 11.02 -5.06
CA VAL B 58 -28.15 12.45 -4.99
C VAL B 58 -28.48 13.05 -3.61
N ASP B 59 -29.55 12.61 -3.03
CA ASP B 59 -29.89 13.00 -1.64
C ASP B 59 -28.73 12.76 -0.63
N ARG B 60 -28.09 11.60 -0.72
CA ARG B 60 -26.98 11.26 0.12
C ARG B 60 -25.84 12.19 -0.20
N LEU B 61 -25.55 12.35 -1.47
CA LEU B 61 -24.45 13.27 -1.86
C LEU B 61 -24.66 14.69 -1.34
N GLU B 62 -25.86 15.24 -1.51
CA GLU B 62 -26.17 16.54 -0.97
C GLU B 62 -25.92 16.61 0.54
N LYS B 63 -26.37 15.63 1.29
CA LYS B 63 -26.16 15.58 2.73
C LYS B 63 -24.71 15.56 3.15
N ILE B 64 -23.93 14.72 2.49
CA ILE B 64 -22.51 14.70 2.75
C ILE B 64 -21.90 16.04 2.37
N ALA B 65 -22.24 16.55 1.18
CA ALA B 65 -21.61 17.79 0.71
C ALA B 65 -21.84 18.94 1.69
N HIS B 66 -23.08 19.12 2.15
CA HIS B 66 -23.34 20.23 3.05
C HIS B 66 -22.53 20.14 4.30
N GLU B 67 -22.44 18.94 4.84
CA GLU B 67 -21.69 18.68 6.05
C GLU B 67 -20.22 19.00 5.85
N LEU B 68 -19.64 18.48 4.78
CA LEU B 68 -18.21 18.71 4.58
C LEU B 68 -17.91 20.19 4.30
N MET B 69 -18.80 20.86 3.58
CA MET B 69 -18.59 22.29 3.25
C MET B 69 -18.50 23.05 4.55
N GLN B 70 -19.46 22.82 5.43
CA GLN B 70 -19.48 23.58 6.68
C GLN B 70 -18.46 23.14 7.67
N GLU B 71 -18.32 21.83 7.92
CA GLU B 71 -17.46 21.37 9.00
C GLU B 71 -15.97 21.37 8.63
N GLN B 72 -15.67 21.15 7.35
CA GLN B 72 -14.26 21.04 6.87
C GLN B 72 -13.85 22.26 6.03
N GLY B 73 -14.79 23.15 5.75
CA GLY B 73 -14.57 24.35 4.96
C GLY B 73 -14.05 24.13 3.55
N VAL B 74 -14.42 23.02 2.94
CA VAL B 74 -14.00 22.71 1.57
C VAL B 74 -15.12 22.99 0.60
N GLU B 75 -14.76 23.24 -0.65
CA GLU B 75 -15.74 23.30 -1.67
C GLU B 75 -16.18 21.87 -2.09
N VAL B 76 -17.46 21.69 -2.26
CA VAL B 76 -18.00 20.40 -2.66
C VAL B 76 -18.96 20.61 -3.74
N PHE B 77 -18.79 19.86 -4.80
CA PHE B 77 -19.69 19.81 -5.91
C PHE B 77 -20.25 18.40 -5.93
N TYR B 78 -21.52 18.24 -6.27
CA TYR B 78 -22.05 16.90 -6.40
C TYR B 78 -23.01 16.85 -7.55
N HIS B 79 -23.15 15.66 -8.13
CA HIS B 79 -23.95 15.46 -9.34
C HIS B 79 -24.27 14.00 -9.51
N HIS B 80 -25.49 13.72 -9.96
CA HIS B 80 -25.88 12.34 -10.26
C HIS B 80 -24.89 11.72 -11.21
N LEU B 81 -24.57 10.48 -10.92
CA LEU B 81 -23.64 9.71 -11.72
C LEU B 81 -24.04 8.25 -11.65
N ASP B 82 -24.25 7.65 -12.83
CA ASP B 82 -24.50 6.22 -12.96
C ASP B 82 -23.41 5.75 -13.91
N VAL B 83 -22.40 5.11 -13.31
CA VAL B 83 -21.23 4.71 -14.08
C VAL B 83 -21.48 3.60 -15.07
N SER B 84 -22.66 2.99 -15.00
CA SER B 84 -23.08 2.00 -15.97
C SER B 84 -23.53 2.63 -17.30
N LYS B 85 -23.62 3.97 -17.34
CA LYS B 85 -24.11 4.67 -18.52
C LYS B 85 -23.07 5.65 -19.02
N ALA B 86 -22.57 5.40 -20.24
CA ALA B 86 -21.60 6.23 -20.88
C ALA B 86 -21.95 7.69 -20.84
N GLU B 87 -23.19 8.04 -21.21
CA GLU B 87 -23.62 9.41 -21.26
C GLU B 87 -23.67 10.08 -19.85
N SER B 88 -23.97 9.31 -18.81
CA SER B 88 -23.95 9.83 -17.44
C SER B 88 -22.52 10.20 -17.01
N VAL B 89 -21.58 9.34 -17.35
CA VAL B 89 -20.17 9.60 -16.99
C VAL B 89 -19.67 10.81 -17.70
N GLU B 90 -19.98 10.89 -18.99
CA GLU B 90 -19.56 12.02 -19.84
C GLU B 90 -20.10 13.32 -19.26
N GLU B 91 -21.39 13.35 -18.95
CA GLU B 91 -22.03 14.59 -18.44
C GLU B 91 -21.47 14.95 -17.10
N PHE B 92 -21.29 13.97 -16.22
CA PHE B 92 -20.67 14.21 -14.93
C PHE B 92 -19.30 14.85 -15.05
N SER B 93 -18.44 14.29 -15.92
CA SER B 93 -17.12 14.78 -16.02
C SER B 93 -17.10 16.22 -16.59
N LYS B 94 -17.95 16.44 -17.58
CA LYS B 94 -18.11 17.76 -18.19
C LYS B 94 -18.46 18.77 -17.08
N LYS B 95 -19.47 18.43 -16.27
CA LYS B 95 -19.87 19.32 -15.17
C LYS B 95 -18.81 19.53 -14.11
N VAL B 96 -18.08 18.47 -13.78
CA VAL B 96 -16.99 18.59 -12.80
C VAL B 96 -15.85 19.52 -13.29
N LEU B 97 -15.44 19.31 -14.53
CA LEU B 97 -14.35 20.02 -15.13
C LEU B 97 -14.78 21.49 -15.28
N GLU B 98 -16.05 21.70 -15.59
CA GLU B 98 -16.61 23.06 -15.71
C GLU B 98 -16.57 23.76 -14.36
N ARG B 99 -16.94 23.06 -13.30
CA ARG B 99 -16.93 23.58 -11.96
C ARG B 99 -15.57 23.94 -11.43
N PHE B 100 -14.59 23.06 -11.57
CA PHE B 100 -13.34 23.22 -10.89
C PHE B 100 -12.16 23.47 -11.80
N GLY B 101 -12.29 23.29 -13.12
CA GLY B 101 -11.11 23.13 -13.93
C GLY B 101 -10.54 21.72 -13.72
N ASP B 102 -9.24 21.59 -13.95
CA ASP B 102 -8.61 20.29 -13.92
C ASP B 102 -8.58 19.68 -12.56
N VAL B 103 -8.70 18.37 -12.57
CA VAL B 103 -8.66 17.62 -11.35
C VAL B 103 -7.30 17.01 -11.03
N ASP B 104 -7.13 16.73 -9.74
CA ASP B 104 -5.88 16.21 -9.20
C ASP B 104 -5.90 14.77 -8.78
N VAL B 105 -7.07 14.34 -8.34
CA VAL B 105 -7.30 13.02 -7.88
C VAL B 105 -8.65 12.57 -8.45
N VAL B 106 -8.70 11.35 -9.02
CA VAL B 106 -9.96 10.72 -9.39
C VAL B 106 -10.03 9.36 -8.68
N VAL B 107 -11.06 9.18 -7.91
CA VAL B 107 -11.27 7.95 -7.18
C VAL B 107 -12.42 7.19 -7.83
N ALA B 108 -12.09 6.18 -8.62
CA ALA B 108 -13.02 5.33 -9.36
C ALA B 108 -13.35 4.21 -8.41
N ASN B 109 -14.36 4.44 -7.55
CA ASN B 109 -14.67 3.55 -6.45
C ASN B 109 -15.99 2.80 -6.54
N ALA B 110 -17.00 3.30 -7.25
CA ALA B 110 -18.25 2.59 -7.39
C ALA B 110 -18.03 1.13 -7.75
N GLY B 111 -18.77 0.26 -7.13
CA GLY B 111 -18.65 -1.17 -7.41
C GLY B 111 -19.77 -1.89 -6.75
N LEU B 112 -19.97 -3.15 -7.16
CA LEU B 112 -20.94 -3.99 -6.53
C LEU B 112 -20.61 -5.45 -6.76
N GLY B 113 -21.22 -6.28 -5.94
CA GLY B 113 -20.97 -7.68 -5.94
C GLY B 113 -22.22 -8.48 -5.70
N TYR B 114 -22.43 -9.48 -6.54
CA TYR B 114 -23.38 -10.57 -6.36
C TYR B 114 -22.60 -11.84 -6.23
N PHE B 115 -23.00 -12.67 -5.26
CA PHE B 115 -22.24 -13.86 -4.91
C PHE B 115 -23.07 -15.11 -5.02
N LYS B 116 -22.76 -15.89 -6.03
CA LYS B 116 -23.50 -17.06 -6.39
C LYS B 116 -22.54 -17.98 -7.15
N ARG B 117 -22.78 -19.29 -7.11
CA ARG B 117 -22.03 -20.22 -7.95
C ARG B 117 -22.21 -19.78 -9.39
N LEU B 118 -21.21 -20.02 -10.22
CA LEU B 118 -21.26 -19.43 -11.57
C LEU B 118 -22.42 -19.90 -12.43
N GLU B 119 -22.90 -21.11 -12.22
CA GLU B 119 -24.08 -21.57 -12.98
C GLU B 119 -25.39 -21.01 -12.48
N GLU B 120 -25.35 -20.38 -11.28
CA GLU B 120 -26.52 -19.75 -10.62
C GLU B 120 -26.60 -18.25 -10.86
N LEU B 121 -25.46 -17.64 -11.14
CA LEU B 121 -25.40 -16.23 -11.36
C LEU B 121 -26.19 -15.88 -12.63
N SER B 122 -27.02 -14.84 -12.61
CA SER B 122 -27.86 -14.48 -13.75
C SER B 122 -27.12 -13.64 -14.74
N GLU B 123 -27.61 -13.62 -15.97
CA GLU B 123 -27.14 -12.67 -16.93
C GLU B 123 -27.14 -11.22 -16.42
N GLU B 124 -28.25 -10.83 -15.84
CA GLU B 124 -28.38 -9.48 -15.33
C GLU B 124 -27.34 -9.14 -14.26
N GLU B 125 -27.13 -10.05 -13.32
CA GLU B 125 -26.17 -9.82 -12.23
C GLU B 125 -24.74 -9.69 -12.79
N PHE B 126 -24.40 -10.50 -13.77
CA PHE B 126 -23.03 -10.51 -14.27
C PHE B 126 -22.86 -9.25 -15.09
N HIS B 127 -23.82 -8.93 -15.92
CA HIS B 127 -23.76 -7.67 -16.67
C HIS B 127 -23.65 -6.47 -15.78
N GLU B 128 -24.41 -6.42 -14.70
CA GLU B 128 -24.37 -5.20 -13.83
C GLU B 128 -22.97 -5.07 -13.24
N MET B 129 -22.39 -6.19 -12.83
CA MET B 129 -21.08 -6.13 -12.24
C MET B 129 -20.05 -5.67 -13.27
N ILE B 130 -20.17 -6.18 -14.50
CA ILE B 130 -19.28 -5.77 -15.57
C ILE B 130 -19.44 -4.27 -15.82
N GLU B 131 -20.68 -3.80 -15.85
CA GLU B 131 -20.93 -2.40 -16.19
C GLU B 131 -20.40 -1.45 -15.16
N VAL B 132 -20.45 -1.84 -13.90
CA VAL B 132 -19.95 -0.95 -12.85
C VAL B 132 -18.47 -1.14 -12.52
N ASN B 133 -18.08 -2.39 -12.26
CA ASN B 133 -16.76 -2.71 -11.74
C ASN B 133 -15.67 -2.59 -12.81
N LEU B 134 -16.03 -2.81 -14.05
CA LEU B 134 -15.09 -2.77 -15.14
C LEU B 134 -15.31 -1.58 -16.03
N LEU B 135 -16.44 -1.54 -16.74
CA LEU B 135 -16.66 -0.49 -17.71
C LEU B 135 -16.86 0.83 -17.00
N GLY B 136 -17.48 0.82 -15.84
CA GLY B 136 -17.63 2.08 -15.09
C GLY B 136 -16.34 2.72 -14.74
N VAL B 137 -15.37 1.88 -14.35
CA VAL B 137 -14.01 2.35 -14.06
C VAL B 137 -13.36 2.93 -15.32
N TRP B 138 -13.45 2.15 -16.40
CA TRP B 138 -12.92 2.57 -17.66
C TRP B 138 -13.51 3.92 -18.06
N ARG B 139 -14.82 4.10 -17.90
CA ARG B 139 -15.47 5.34 -18.34
C ARG B 139 -15.02 6.48 -17.49
N THR B 140 -14.87 6.19 -16.19
CA THR B 140 -14.50 7.21 -15.23
C THR B 140 -13.13 7.72 -15.52
N LEU B 141 -12.20 6.80 -15.70
CA LEU B 141 -10.83 7.14 -15.95
C LEU B 141 -10.64 7.80 -17.28
N LYS B 142 -11.28 7.31 -18.32
CA LYS B 142 -11.09 7.99 -19.60
C LYS B 142 -11.65 9.39 -19.67
N ALA B 143 -12.75 9.62 -18.96
CA ALA B 143 -13.36 10.95 -18.91
C ALA B 143 -12.48 11.99 -18.29
N PHE B 144 -11.70 11.64 -17.30
CA PHE B 144 -10.78 12.59 -16.65
C PHE B 144 -9.36 12.44 -17.08
N LEU B 145 -9.11 11.61 -18.08
CA LEU B 145 -7.73 11.28 -18.39
C LEU B 145 -6.90 12.49 -18.86
N ASP B 146 -7.43 13.27 -19.81
CA ASP B 146 -6.66 14.44 -20.29
C ASP B 146 -6.36 15.37 -19.14
N SER B 147 -7.35 15.52 -18.25
CA SER B 147 -7.17 16.42 -17.10
C SER B 147 -6.06 15.92 -16.21
N LEU B 148 -6.10 14.63 -15.86
CA LEU B 148 -5.07 14.11 -15.01
C LEU B 148 -3.68 14.17 -15.65
N LYS B 149 -3.60 13.94 -16.94
CA LYS B 149 -2.30 14.08 -17.64
C LYS B 149 -1.74 15.50 -17.47
N ARG B 150 -2.61 16.53 -17.55
CA ARG B 150 -2.11 17.90 -17.39
C ARG B 150 -1.59 18.10 -15.98
N THR B 151 -2.28 17.55 -14.96
CA THR B 151 -1.95 17.81 -13.56
C THR B 151 -0.98 16.83 -12.95
N GLY B 152 -0.52 15.84 -13.71
CA GLY B 152 0.30 14.76 -13.12
C GLY B 152 -0.45 14.12 -11.97
N GLY B 153 -1.75 13.94 -12.18
CA GLY B 153 -2.68 13.53 -11.12
C GLY B 153 -2.64 12.06 -10.79
N LEU B 154 -3.56 11.65 -9.95
CA LEU B 154 -3.60 10.34 -9.32
C LEU B 154 -5.00 9.81 -9.55
N ALA B 155 -5.11 8.64 -10.20
CA ALA B 155 -6.36 7.95 -10.33
C ALA B 155 -6.28 6.74 -9.40
N LEU B 156 -7.18 6.67 -8.43
CA LEU B 156 -7.27 5.56 -7.53
C LEU B 156 -8.50 4.75 -7.90
N VAL B 157 -8.32 3.45 -8.05
CA VAL B 157 -9.40 2.57 -8.37
C VAL B 157 -9.52 1.58 -7.23
N THR B 158 -10.70 1.53 -6.64
CA THR B 158 -10.97 0.56 -5.63
C THR B 158 -11.41 -0.74 -6.35
N THR B 159 -10.51 -1.71 -6.41
CA THR B 159 -10.83 -3.00 -6.93
C THR B 159 -11.23 -3.92 -5.75
N SER B 160 -10.36 -4.81 -5.30
CA SER B 160 -10.61 -5.74 -4.21
C SER B 160 -9.31 -6.52 -3.97
N ASP B 161 -9.11 -7.09 -2.79
CA ASP B 161 -8.06 -8.11 -2.69
C ASP B 161 -8.30 -9.26 -3.69
N VAL B 162 -9.55 -9.48 -4.09
CA VAL B 162 -9.88 -10.52 -5.08
C VAL B 162 -9.64 -10.13 -6.55
N SER B 163 -8.97 -8.97 -6.76
CA SER B 163 -8.45 -8.66 -8.06
C SER B 163 -7.33 -9.60 -8.41
N ALA B 164 -6.80 -10.35 -7.42
CA ALA B 164 -5.66 -11.24 -7.71
C ALA B 164 -5.73 -12.55 -6.94
N ARG B 165 -6.93 -12.91 -6.49
CA ARG B 165 -7.16 -14.25 -6.01
C ARG B 165 -8.61 -14.65 -6.28
N LEU B 166 -8.91 -15.87 -5.91
CA LEU B 166 -10.21 -16.44 -6.25
C LEU B 166 -10.96 -16.80 -5.01
N ILE B 167 -12.30 -16.79 -5.13
CA ILE B 167 -13.19 -17.28 -4.08
C ILE B 167 -14.39 -18.07 -4.63
N PRO B 168 -14.74 -19.19 -3.97
CA PRO B 168 -16.03 -19.76 -4.35
C PRO B 168 -17.18 -18.74 -4.18
N TYR B 169 -18.19 -18.86 -5.05
CA TYR B 169 -19.30 -17.96 -5.18
C TYR B 169 -18.93 -16.56 -5.73
N GLY B 170 -17.65 -16.36 -5.99
CA GLY B 170 -17.21 -15.05 -6.40
C GLY B 170 -16.92 -14.88 -7.86
N GLY B 171 -17.29 -15.87 -8.67
CA GLY B 171 -16.78 -15.90 -10.04
C GLY B 171 -17.13 -14.68 -10.86
N GLY B 172 -18.37 -14.22 -10.80
CA GLY B 172 -18.75 -13.03 -11.55
C GLY B 172 -18.03 -11.79 -11.00
N TYR B 173 -18.06 -11.60 -9.67
CA TYR B 173 -17.45 -10.45 -9.04
C TYR B 173 -15.94 -10.41 -9.29
N VAL B 174 -15.31 -11.52 -8.95
CA VAL B 174 -13.87 -11.67 -9.06
C VAL B 174 -13.41 -11.47 -10.50
N SER B 175 -14.10 -12.07 -11.45
CA SER B 175 -13.67 -11.89 -12.82
C SER B 175 -13.63 -10.37 -13.18
N THR B 176 -14.62 -9.60 -12.72
CA THR B 176 -14.64 -8.17 -13.06
C THR B 176 -13.50 -7.45 -12.36
N LYS B 177 -13.16 -7.86 -11.16
CA LYS B 177 -12.06 -7.23 -10.41
C LYS B 177 -10.71 -7.59 -11.03
N TRP B 178 -10.50 -8.84 -11.48
CA TRP B 178 -9.29 -9.11 -12.28
C TRP B 178 -9.20 -8.26 -13.54
N ALA B 179 -10.33 -8.16 -14.24
CA ALA B 179 -10.42 -7.29 -15.42
C ALA B 179 -10.08 -5.86 -15.07
N ALA B 180 -10.59 -5.37 -13.96
CA ALA B 180 -10.28 -3.96 -13.53
C ALA B 180 -8.82 -3.77 -13.24
N ARG B 181 -8.17 -4.77 -12.64
CA ARG B 181 -6.74 -4.69 -12.35
C ARG B 181 -5.95 -4.54 -13.63
N ALA B 182 -6.29 -5.35 -14.62
CA ALA B 182 -5.65 -5.30 -15.93
C ALA B 182 -5.88 -3.97 -16.58
N LEU B 183 -7.11 -3.47 -16.46
CA LEU B 183 -7.47 -2.17 -17.04
C LEU B 183 -6.64 -1.06 -16.43
N VAL B 184 -6.54 -1.06 -15.09
CA VAL B 184 -5.80 -0.01 -14.40
C VAL B 184 -4.32 -0.04 -14.81
N ARG B 185 -3.73 -1.21 -14.79
CA ARG B 185 -2.32 -1.32 -15.16
C ARG B 185 -2.11 -0.92 -16.63
N THR B 186 -3.06 -1.24 -17.51
CA THR B 186 -2.94 -0.89 -18.91
C THR B 186 -3.06 0.65 -19.09
N PHE B 187 -4.02 1.25 -18.37
CA PHE B 187 -4.09 2.73 -18.38
C PHE B 187 -2.72 3.25 -17.93
N GLN B 188 -2.11 2.60 -16.95
CA GLN B 188 -0.83 3.12 -16.44
C GLN B 188 0.30 3.03 -17.49
N ILE B 189 0.40 1.87 -18.14
CA ILE B 189 1.36 1.70 -19.22
C ILE B 189 1.19 2.73 -20.34
N GLU B 190 -0.06 2.98 -20.71
CA GLU B 190 -0.45 3.91 -21.78
C GLU B 190 -0.34 5.37 -21.39
N ASN B 191 -0.25 5.68 -20.09
CA ASN B 191 -0.25 7.05 -19.60
C ASN B 191 0.73 7.23 -18.47
N PRO B 192 2.01 7.21 -18.80
CA PRO B 192 3.06 7.20 -17.79
C PRO B 192 3.19 8.51 -17.08
N ASP B 193 2.50 9.52 -17.60
CA ASP B 193 2.40 10.84 -16.99
C ASP B 193 1.31 10.97 -15.94
N VAL B 194 0.55 9.90 -15.74
CA VAL B 194 -0.45 9.89 -14.70
C VAL B 194 -0.12 8.79 -13.70
N ARG B 195 -0.52 8.96 -12.44
CA ARG B 195 -0.26 7.95 -11.41
C ARG B 195 -1.51 7.13 -11.13
N PHE B 196 -1.44 5.80 -11.24
CA PHE B 196 -2.58 4.97 -11.04
C PHE B 196 -2.31 4.10 -9.82
N PHE B 197 -3.32 4.09 -8.95
CA PHE B 197 -3.27 3.43 -7.66
C PHE B 197 -4.42 2.43 -7.58
N GLU B 198 -4.04 1.15 -7.49
CA GLU B 198 -5.03 0.10 -7.25
C GLU B 198 -5.15 -0.16 -5.79
N LEU B 199 -6.33 0.11 -5.26
CA LEU B 199 -6.66 -0.07 -3.86
C LEU B 199 -7.44 -1.38 -3.70
N ARG B 200 -6.91 -2.27 -2.91
CA ARG B 200 -7.35 -3.65 -2.82
C ARG B 200 -7.72 -3.99 -1.38
N PRO B 201 -8.91 -3.50 -0.94
CA PRO B 201 -9.40 -3.91 0.38
C PRO B 201 -9.97 -5.29 0.38
N GLY B 202 -9.82 -5.99 1.50
CA GLY B 202 -10.63 -7.12 1.78
C GLY B 202 -12.04 -6.70 2.16
N ALA B 203 -12.73 -7.57 2.90
CA ALA B 203 -14.08 -7.27 3.38
C ALA B 203 -14.09 -5.99 4.18
N VAL B 204 -15.07 -5.13 3.90
CA VAL B 204 -15.24 -3.86 4.53
C VAL B 204 -16.71 -3.78 4.97
N ASP B 205 -16.93 -3.17 6.13
CA ASP B 205 -18.29 -3.09 6.70
C ASP B 205 -19.05 -1.94 6.02
N THR B 206 -19.70 -2.23 4.91
CA THR B 206 -20.45 -1.26 4.17
C THR B 206 -21.82 -1.86 3.78
N TYR B 207 -22.43 -1.34 2.72
CA TYR B 207 -23.66 -1.92 2.14
C TYR B 207 -23.32 -2.93 1.04
N PHE B 208 -22.02 -3.09 0.79
CA PHE B 208 -21.55 -4.02 -0.22
C PHE B 208 -22.14 -5.40 0.00
N GLY B 209 -22.56 -6.03 -1.08
CA GLY B 209 -23.01 -7.40 -1.04
C GLY B 209 -24.39 -7.52 -0.37
N GLY B 210 -25.19 -6.46 -0.42
CA GLY B 210 -26.59 -6.50 0.03
C GLY B 210 -26.70 -6.37 1.53
N SER B 211 -25.68 -5.79 2.17
CA SER B 211 -25.55 -5.70 3.62
C SER B 211 -25.79 -4.28 4.09
N LYS B 212 -25.53 -4.02 5.37
CA LYS B 212 -25.61 -2.67 5.89
C LYS B 212 -24.45 -2.52 6.88
N PRO B 213 -23.93 -1.28 7.03
CA PRO B 213 -22.89 -1.01 8.03
C PRO B 213 -23.33 -1.41 9.43
N GLY B 214 -22.40 -1.47 10.37
CA GLY B 214 -22.67 -1.95 11.72
C GLY B 214 -22.12 -3.34 12.02
N LYS B 215 -21.52 -4.01 11.03
CA LYS B 215 -20.95 -5.35 11.23
C LYS B 215 -19.65 -5.18 12.02
N PRO B 216 -19.44 -6.03 13.05
CA PRO B 216 -18.23 -5.89 13.86
C PRO B 216 -16.95 -6.28 13.14
N LYS B 217 -15.89 -5.57 13.46
CA LYS B 217 -14.54 -5.88 12.96
C LYS B 217 -14.23 -7.35 13.12
N GLU B 218 -14.61 -7.91 14.28
CA GLU B 218 -14.31 -9.31 14.59
C GLU B 218 -14.90 -10.35 13.63
N LYS B 219 -15.91 -10.00 12.87
CA LYS B 219 -16.49 -10.96 11.93
C LYS B 219 -15.74 -10.95 10.58
N GLY B 220 -14.68 -10.13 10.51
CA GLY B 220 -13.75 -10.16 9.37
C GLY B 220 -13.86 -8.92 8.50
N TYR B 221 -14.05 -7.76 9.12
CA TYR B 221 -14.29 -6.52 8.36
C TYR B 221 -13.47 -5.35 8.78
N LEU B 222 -12.91 -4.69 7.77
CA LEU B 222 -12.38 -3.34 7.91
C LEU B 222 -13.54 -2.34 7.94
N LYS B 223 -13.26 -1.20 8.52
CA LYS B 223 -14.19 -0.09 8.54
C LYS B 223 -13.73 0.89 7.46
N PRO B 224 -14.68 1.45 6.75
CA PRO B 224 -14.28 2.38 5.69
C PRO B 224 -13.37 3.54 6.08
N ASP B 225 -13.55 4.07 7.28
CA ASP B 225 -12.74 5.17 7.76
C ASP B 225 -11.25 4.75 7.89
N GLU B 226 -10.98 3.46 8.19
CA GLU B 226 -9.60 2.95 8.19
C GLU B 226 -9.00 2.94 6.81
N ILE B 227 -9.77 2.48 5.84
CA ILE B 227 -9.30 2.47 4.47
C ILE B 227 -9.02 3.94 4.03
N ALA B 228 -9.95 4.83 4.36
CA ALA B 228 -9.87 6.19 3.86
C ALA B 228 -8.68 6.89 4.49
N GLU B 229 -8.37 6.49 5.72
CA GLU B 229 -7.21 7.02 6.37
C GLU B 229 -5.96 6.47 5.68
N ALA B 230 -5.95 5.20 5.25
CA ALA B 230 -4.75 4.65 4.53
C ALA B 230 -4.54 5.51 3.26
N VAL B 231 -5.64 5.75 2.58
CA VAL B 231 -5.61 6.53 1.38
C VAL B 231 -5.11 7.96 1.59
N ARG B 232 -5.73 8.67 2.53
CA ARG B 232 -5.40 10.05 2.78
C ARG B 232 -3.95 10.23 3.05
N CYS B 233 -3.46 9.33 3.85
CA CYS B 233 -2.14 9.59 4.31
C CYS B 233 -1.05 9.30 3.21
N LEU B 234 -1.33 8.36 2.33
CA LEU B 234 -0.52 8.09 1.16
C LEU B 234 -0.66 9.20 0.12
N LEU B 235 -1.83 9.83 0.05
CA LEU B 235 -2.00 10.93 -0.86
C LEU B 235 -1.28 12.17 -0.39
N LYS B 236 -0.76 12.19 0.83
CA LYS B 236 0.09 13.29 1.29
C LYS B 236 1.51 13.18 0.81
N LEU B 237 1.89 12.06 0.21
CA LEU B 237 3.24 11.93 -0.33
C LEU B 237 3.48 12.90 -1.47
N PRO B 238 4.75 13.20 -1.74
CA PRO B 238 4.98 14.10 -2.86
C PRO B 238 4.42 13.58 -4.17
N LYS B 239 4.20 14.51 -5.07
CA LYS B 239 3.67 14.26 -6.41
C LYS B 239 4.51 13.34 -7.28
N ASP B 240 5.80 13.21 -6.95
CA ASP B 240 6.67 12.31 -7.68
C ASP B 240 6.53 10.86 -7.22
N VAL B 241 5.84 10.60 -6.11
CA VAL B 241 5.64 9.23 -5.63
C VAL B 241 4.39 8.65 -6.30
N ARG B 242 4.55 7.47 -6.91
CA ARG B 242 3.46 6.74 -7.50
C ARG B 242 3.14 5.47 -6.70
N VAL B 243 2.12 5.55 -5.80
CA VAL B 243 1.67 4.40 -5.06
C VAL B 243 0.80 3.63 -6.02
N GLU B 244 1.21 2.40 -6.36
CA GLU B 244 0.58 1.61 -7.40
C GLU B 244 -0.39 0.61 -6.87
N GLU B 245 -0.15 0.14 -5.65
CA GLU B 245 -0.91 -0.97 -5.17
C GLU B 245 -0.88 -0.94 -3.66
N LEU B 246 -2.06 -1.12 -3.06
CA LEU B 246 -2.16 -1.25 -1.61
C LEU B 246 -3.21 -2.32 -1.35
N MET B 247 -2.84 -3.38 -0.67
CA MET B 247 -3.78 -4.43 -0.30
CA MET B 247 -3.77 -4.42 -0.29
C MET B 247 -3.81 -4.48 1.23
N LEU B 248 -4.99 -4.41 1.80
CA LEU B 248 -5.14 -4.39 3.28
C LEU B 248 -6.43 -5.08 3.60
N ARG B 249 -6.40 -5.83 4.68
CA ARG B 249 -7.55 -6.61 5.15
C ARG B 249 -7.59 -6.56 6.68
N SER B 250 -8.72 -6.94 7.23
CA SER B 250 -8.83 -7.03 8.68
C SER B 250 -8.03 -8.20 9.18
N VAL B 251 -7.44 -8.08 10.35
CA VAL B 251 -6.84 -9.24 11.00
C VAL B 251 -7.79 -10.36 11.26
N TYR B 252 -9.08 -10.05 11.26
CA TYR B 252 -10.11 -11.06 11.45
C TYR B 252 -10.52 -11.72 10.16
N GLN B 253 -10.03 -11.26 9.01
CA GLN B 253 -10.21 -12.01 7.76
C GLN B 253 -9.03 -12.98 7.54
N ARG B 254 -9.36 -14.24 7.26
CA ARG B 254 -8.35 -15.25 7.01
C ARG B 254 -7.40 -14.80 5.90
N PRO B 255 -6.08 -14.90 6.11
CA PRO B 255 -5.17 -14.42 5.07
C PRO B 255 -5.02 -15.45 4.00
N GLU B 256 -5.74 -15.22 2.92
CA GLU B 256 -5.79 -16.10 1.77
C GLU B 256 -5.22 -15.38 0.54
N TYR B 257 -4.64 -16.16 -0.36
CA TYR B 257 -3.96 -15.61 -1.49
C TYR B 257 -4.39 -16.30 -2.78
O3 NJP C . 19.95 -0.29 0.39
PA NJP C . 21.28 0.20 1.13
PN NJP C . 18.36 0.05 0.61
N1A NJP C . 23.26 -7.97 7.75
O1A NJP C . 21.33 1.68 1.28
C1B NJP C . 21.97 -3.68 5.41
C1D NJP C . 15.34 -3.06 -1.00
N1N NJP C . 15.15 -2.38 -2.28
O1N NJP C . 17.79 0.67 -0.67
O1X NJP C . 25.53 -1.64 7.94
C2A NJP C . 22.60 -6.91 8.26
O2A NJP C . 22.42 -0.57 0.48
C2B NJP C . 22.99 -2.56 5.28
O2B NJP C . 23.70 -2.32 6.48
P2B NJP C . 25.21 -2.74 6.89
C2D NJP C . 16.66 -3.81 -0.84
O2D NJP C . 16.73 -5.07 -1.57
C2N NJP C . 15.98 -1.37 -2.60
O2N NJP C . 18.14 0.94 1.82
O2X NJP C . 25.03 -4.13 7.44
N3A NJP C . 22.32 -5.83 7.54
C3B NJP C . 22.12 -1.36 5.02
O3B NJP C . 21.58 -0.75 6.26
C3D NJP C . 16.67 -4.01 0.67
O3D NJP C . 15.98 -5.20 1.09
C3N NJP C . 15.87 -0.72 -3.80
O3X NJP C . 26.03 -2.67 5.60
C4A NJP C . 22.71 -5.88 6.23
C4B NJP C . 20.96 -1.96 4.26
O4B NJP C . 20.95 -3.40 4.48
C4D NJP C . 15.93 -2.79 1.23
O4D NJP C . 15.32 -2.14 0.10
C4N NJP C . 14.90 -1.14 -4.72
C5A NJP C . 23.36 -6.99 5.68
C5B NJP C . 21.04 -1.78 2.78
O5B NJP C . 20.99 -0.38 2.58
C5D NJP C . 16.90 -1.79 1.91
O5D NJP C . 17.94 -1.49 0.95
C5N NJP C . 14.02 -2.14 -4.40
C6A NJP C . 23.68 -8.05 6.49
N6A NJP C . 24.28 -9.14 5.99
C6N NJP C . 14.19 -2.80 -3.15
N7A NJP C . 23.65 -6.72 4.36
C7N NJP C . 16.76 0.43 -4.17
N7N NJP C . 17.39 1.08 -3.20
O7N NJP C . 16.92 0.83 -5.43
C8A NJP C . 23.12 -5.50 4.12
O8N NJP C . 13.08 -2.53 -5.33
N9A NJP C . 22.56 -5.01 5.24
C1 GOL D . 1.98 -0.91 14.75
O1 GOL D . 2.15 -1.00 16.19
C2 GOL D . 0.50 -0.72 14.50
O2 GOL D . -0.26 -1.61 15.38
C3 GOL D . 0.25 -0.90 12.99
O3 GOL D . -1.18 -0.84 12.68
O3 NJP E . -19.91 -0.73 -1.14
PA NJP E . -21.25 0.08 -0.91
PN NJP E . -18.35 -0.36 -0.80
N1A NJP E . -23.09 4.36 -10.62
O1A NJP E . -21.46 0.53 0.51
C1B NJP E . -21.93 3.22 -5.81
C1D NJP E . -15.20 -2.57 -3.37
N1N NJP E . -15.03 -3.65 -2.39
O1N NJP E . -17.76 -1.40 0.11
O1X NJP E . -25.72 5.92 -4.56
C2A NJP E . -22.49 5.13 -9.70
O2A NJP E . -22.28 -0.88 -1.55
C2B NJP E . -23.00 3.31 -4.72
O2B NJP E . -23.81 4.51 -4.81
P2B NJP E . -25.30 4.68 -5.38
C2D NJP E . -16.45 -2.58 -4.23
O2D NJP E . -16.39 -3.65 -5.20
C2N NJP E . -15.83 -3.68 -1.31
O2N NJP E . -18.16 1.07 -0.32
O2X NJP E . -25.09 4.95 -6.81
N3A NJP E . -22.28 4.67 -8.44
C3B NJP E . -22.19 3.39 -3.43
O3B NJP E . -21.72 4.75 -3.17
C3D NJP E . -16.44 -1.12 -4.72
O3D NJP E . -15.67 -1.00 -5.94
C3N NJP E . -15.66 -4.67 -0.38
O3X NJP E . -26.03 3.44 -4.96
C4A NJP E . -22.63 3.39 -8.18
C4B NJP E . -20.95 2.60 -3.79
O4B NJP E . -20.90 2.46 -5.23
C4D NJP E . -15.83 -0.32 -3.57
O4D NJP E . -15.25 -1.33 -2.69
C4N NJP E . -14.69 -5.64 -0.55
C5A NJP E . -23.20 2.56 -9.14
C5B NJP E . -20.97 1.18 -3.26
O5B NJP E . -20.98 1.35 -1.85
C5D NJP E . -16.88 0.48 -2.80
O5D NJP E . -17.79 -0.48 -2.30
C5N NJP E . -13.88 -5.59 -1.64
C6A NJP E . -23.45 3.08 -10.37
N6A NJP E . -24.03 2.33 -11.35
C6N NJP E . -14.06 -4.58 -2.58
N7A NJP E . -23.42 1.36 -8.55
C7N NJP E . -16.52 -4.72 0.83
N7N NJP E . -17.16 -3.60 1.19
O7N NJP E . -16.64 -5.84 1.52
C8A NJP E . -22.95 1.44 -7.29
O8N NJP E . -12.97 -6.56 -1.75
N9A NJP E . -22.46 2.67 -7.10
#